data_5YVR
#
_entry.id   5YVR
#
_cell.length_a   58.050
_cell.length_b   104.800
_cell.length_c   129.540
_cell.angle_alpha   90.000
_cell.angle_beta   90.000
_cell.angle_gamma   90.000
#
_symmetry.space_group_name_H-M   'C 2 2 21'
#
loop_
_entity.id
_entity.type
_entity.pdbx_description
1 polymer 'alcohol dehydrogenase'
2 non-polymer 'MANGANESE (II) ION'
3 non-polymer 'NADPH DIHYDRO-NICOTINAMIDE-ADENINE-DINUCLEOTIDE PHOSPHATE'
4 water water
#
_entity_poly.entity_id   1
_entity_poly.type   'polypeptide(L)'
_entity_poly.pdbx_seq_one_letter_code
;MHHHHHHMRMEFRHNLPSSDIIFGSGTLEKIGEETKKWGDKAILVTGKSNMKKLGFLADAIDYLESAGVETVHYGEIEPN
PTTTVVDEGAEIVLEEGCDVVVALGGGSSMDAAKGIAMVAGHSAEERDISVWDFAPEGDKETKPITEKTLPVIAATSTSG
TGSHVTPYAVITNPETKGKPGFGNKHSFPKVSIVDIDILKEMPPRLTAITGYDVFSHVSENLTAKGDHPTADPLAIRAIE
YVTEYLLRAVEDGEDIKAREKMAVADTYAGLSNTISGTTLRHAMAAPISGYYPDISHGQALASISVPIMEHNIENGDEKT
WERYSRIAVALDASKPVDNTRQAASKAVDGLKNLLRSLDLDKPLSELGVEEEKIPEMTEGAFIYMGGGIEANPVDVSKED
VKEIFRKSL
;
_entity_poly.pdbx_strand_id   A
#
loop_
_chem_comp.id
_chem_comp.type
_chem_comp.name
_chem_comp.formula
MN non-polymer 'MANGANESE (II) ION' 'Mn 2'
NDP non-polymer 'NADPH DIHYDRO-NICOTINAMIDE-ADENINE-DINUCLEOTIDE PHOSPHATE' 'C21 H30 N7 O17 P3'
#
# COMPACT_ATOMS: atom_id res chain seq x y z
N HIS A 7 31.57 -3.82 -18.91
CA HIS A 7 30.37 -4.21 -18.14
C HIS A 7 30.08 -3.34 -16.89
N MET A 8 28.83 -2.88 -16.75
CA MET A 8 28.39 -2.11 -15.58
C MET A 8 28.22 -3.02 -14.35
N ARG A 9 29.02 -2.77 -13.31
CA ARG A 9 28.93 -3.62 -12.14
C ARG A 9 27.59 -3.43 -11.43
N MET A 10 27.23 -4.43 -10.64
CA MET A 10 25.98 -4.45 -9.92
C MET A 10 26.27 -4.13 -8.45
N GLU A 11 25.48 -3.21 -7.89
CA GLU A 11 25.63 -2.78 -6.51
C GLU A 11 24.24 -2.61 -5.91
N PHE A 12 24.01 -3.16 -4.72
CA PHE A 12 22.79 -2.84 -4.00
C PHE A 12 22.92 -3.24 -2.55
N ARG A 13 21.98 -2.76 -1.74
CA ARG A 13 21.82 -3.19 -0.37
C ARG A 13 20.37 -3.60 -0.19
N HIS A 14 20.17 -4.82 0.25
CA HIS A 14 18.86 -5.40 0.48
C HIS A 14 18.60 -5.34 1.96
N ASN A 15 17.44 -4.81 2.33
CA ASN A 15 16.99 -4.75 3.73
C ASN A 15 15.55 -5.22 3.82
N LEU A 16 15.32 -6.28 4.57
CA LEU A 16 13.97 -6.81 4.76
C LEU A 16 13.80 -7.24 6.20
N PRO A 17 12.90 -6.60 6.95
CA PRO A 17 12.68 -6.99 8.35
C PRO A 17 12.17 -8.42 8.42
N SER A 18 12.29 -9.01 9.61
CA SER A 18 11.72 -10.33 9.85
C SER A 18 10.23 -10.38 9.47
N SER A 19 9.82 -11.48 8.84
CA SER A 19 8.44 -11.66 8.38
C SER A 19 7.95 -13.03 8.84
N ASP A 20 6.69 -13.06 9.31
CA ASP A 20 6.00 -14.24 9.82
C ASP A 20 4.58 -14.15 9.24
N ILE A 21 4.28 -14.96 8.24
CA ILE A 21 3.05 -14.86 7.46
C ILE A 21 2.27 -16.15 7.62
N ILE A 22 1.06 -16.04 8.13
CA ILE A 22 0.17 -17.19 8.32
C ILE A 22 -0.87 -17.10 7.21
N PHE A 23 -0.88 -18.07 6.31
CA PHE A 23 -1.65 -17.95 5.07
C PHE A 23 -2.60 -19.12 4.97
N GLY A 24 -3.87 -18.84 4.71
CA GLY A 24 -4.83 -19.92 4.50
C GLY A 24 -6.23 -19.38 4.75
N SER A 25 -7.18 -20.30 4.76
CA SER A 25 -8.56 -19.90 4.99
C SER A 25 -8.92 -20.33 6.40
N GLY A 26 -9.46 -19.41 7.17
CA GLY A 26 -9.72 -19.66 8.57
C GLY A 26 -8.56 -19.42 9.51
N THR A 27 -7.46 -18.80 9.03
CA THR A 27 -6.32 -18.49 9.89
C THR A 27 -6.59 -17.31 10.82
N LEU A 28 -7.71 -16.60 10.67
CA LEU A 28 -8.10 -15.65 11.71
C LEU A 28 -8.11 -16.34 13.08
N GLU A 29 -8.42 -17.63 13.12
CA GLU A 29 -8.29 -18.49 14.29
C GLU A 29 -7.04 -18.20 15.11
N LYS A 30 -5.93 -17.93 14.44
CA LYS A 30 -4.65 -17.80 15.12
C LYS A 30 -4.44 -16.43 15.76
N ILE A 31 -5.32 -15.45 15.51
CA ILE A 31 -4.94 -14.09 15.84
C ILE A 31 -4.73 -13.93 17.36
N GLY A 32 -5.44 -14.71 18.16
CA GLY A 32 -5.32 -14.57 19.61
C GLY A 32 -4.04 -15.19 20.13
N GLU A 33 -3.77 -16.45 19.78
CA GLU A 33 -2.53 -17.07 20.23
C GLU A 33 -1.34 -16.24 19.81
N GLU A 34 -1.38 -15.69 18.60
CA GLU A 34 -0.20 -14.98 18.13
C GLU A 34 -0.04 -13.65 18.85
N THR A 35 -1.14 -12.96 19.07
CA THR A 35 -1.10 -11.64 19.71
C THR A 35 -0.64 -11.76 21.17
N LYS A 36 -1.00 -12.86 21.83
CA LYS A 36 -0.65 -13.06 23.24
C LYS A 36 0.86 -13.17 23.40
N LYS A 37 1.56 -13.65 22.38
CA LYS A 37 3.00 -13.74 22.43
C LYS A 37 3.65 -12.37 22.60
N TRP A 38 2.94 -11.31 22.24
CA TRP A 38 3.47 -9.95 22.20
C TRP A 38 2.86 -9.01 23.23
N GLY A 39 1.73 -9.37 23.82
CA GLY A 39 1.14 -8.48 24.82
C GLY A 39 -0.09 -9.12 25.39
N ASP A 40 -0.49 -8.60 26.56
CA ASP A 40 -1.67 -9.09 27.24
C ASP A 40 -2.92 -8.25 26.97
N LYS A 41 -2.78 -7.03 26.44
CA LYS A 41 -3.93 -6.14 26.26
C LYS A 41 -3.81 -5.43 24.93
N ALA A 42 -4.76 -5.69 24.04
CA ALA A 42 -4.66 -5.17 22.68
C ALA A 42 -5.62 -4.03 22.46
N ILE A 43 -5.24 -3.09 21.59
CA ILE A 43 -6.24 -2.28 20.90
C ILE A 43 -6.47 -2.92 19.55
N LEU A 44 -7.75 -3.14 19.22
CA LEU A 44 -8.13 -3.77 17.96
C LEU A 44 -8.63 -2.68 17.01
N VAL A 45 -7.87 -2.44 15.95
CA VAL A 45 -8.05 -1.31 15.07
C VAL A 45 -8.74 -1.82 13.82
N THR A 46 -9.90 -1.22 13.51
CA THR A 46 -10.70 -1.65 12.37
C THR A 46 -11.47 -0.47 11.77
N GLY A 47 -12.04 -0.72 10.60
CA GLY A 47 -13.02 0.18 10.04
C GLY A 47 -14.35 0.13 10.79
N LYS A 48 -15.33 0.78 10.21
CA LYS A 48 -16.56 1.04 10.92
C LYS A 48 -17.69 0.05 10.62
N SER A 49 -17.60 -0.78 9.58
CA SER A 49 -18.82 -1.52 9.29
C SER A 49 -18.65 -2.91 8.70
N ASN A 50 -17.67 -3.13 7.80
CA ASN A 50 -17.65 -4.40 7.09
C ASN A 50 -17.16 -5.59 7.91
N MET A 51 -16.05 -5.47 8.67
CA MET A 51 -15.66 -6.61 9.50
C MET A 51 -16.76 -6.95 10.49
N LYS A 52 -17.45 -5.93 11.00
CA LYS A 52 -18.56 -6.16 11.93
C LYS A 52 -19.70 -6.87 11.23
N LYS A 53 -20.22 -6.28 10.16
CA LYS A 53 -21.28 -6.89 9.37
C LYS A 53 -20.95 -8.33 8.97
N LEU A 54 -19.71 -8.59 8.54
CA LEU A 54 -19.33 -9.91 8.05
C LEU A 54 -19.07 -10.93 9.17
N GLY A 55 -19.17 -10.53 10.45
CA GLY A 55 -18.91 -11.45 11.54
C GLY A 55 -17.46 -11.59 11.99
N PHE A 56 -16.49 -11.14 11.18
CA PHE A 56 -15.09 -11.37 11.54
C PHE A 56 -14.67 -10.52 12.74
N LEU A 57 -15.27 -9.34 12.92
CA LEU A 57 -14.98 -8.57 14.14
C LEU A 57 -15.29 -9.40 15.38
N ALA A 58 -16.50 -9.99 15.46
CA ALA A 58 -16.86 -10.80 16.61
C ALA A 58 -15.90 -11.97 16.81
N ASP A 59 -15.47 -12.61 15.71
CA ASP A 59 -14.56 -13.75 15.79
C ASP A 59 -13.20 -13.34 16.33
N ALA A 60 -12.60 -12.30 15.75
CA ALA A 60 -11.34 -11.78 16.26
C ALA A 60 -11.41 -11.52 17.77
N ILE A 61 -12.44 -10.77 18.19
CA ILE A 61 -12.58 -10.45 19.61
C ILE A 61 -12.65 -11.74 20.41
N ASP A 62 -13.40 -12.72 19.91
CA ASP A 62 -13.51 -14.03 20.56
C ASP A 62 -12.14 -14.70 20.66
N TYR A 63 -11.43 -14.79 19.53
CA TYR A 63 -10.14 -15.46 19.55
C TYR A 63 -9.18 -14.73 20.50
N LEU A 64 -9.18 -13.41 20.44
CA LEU A 64 -8.27 -12.66 21.32
C LEU A 64 -8.61 -12.93 22.79
N GLU A 65 -9.89 -12.80 23.16
CA GLU A 65 -10.23 -13.00 24.57
C GLU A 65 -9.98 -14.44 24.98
N SER A 66 -10.31 -15.37 24.10
CA SER A 66 -10.16 -16.79 24.40
C SER A 66 -8.67 -17.15 24.57
N ALA A 67 -7.80 -16.42 23.90
CA ALA A 67 -6.38 -16.55 24.10
C ALA A 67 -5.91 -15.85 25.37
N GLY A 68 -6.80 -15.19 26.09
CA GLY A 68 -6.37 -14.41 27.22
C GLY A 68 -5.79 -13.06 26.89
N VAL A 69 -6.21 -12.43 25.78
CA VAL A 69 -5.78 -11.09 25.43
C VAL A 69 -6.96 -10.16 25.66
N GLU A 70 -6.89 -9.35 26.71
CA GLU A 70 -7.95 -8.39 26.95
C GLU A 70 -7.97 -7.36 25.82
N THR A 71 -9.15 -7.03 25.30
CA THR A 71 -9.23 -6.30 24.03
C THR A 71 -10.12 -5.06 24.10
N VAL A 72 -9.57 -3.92 23.65
CA VAL A 72 -10.31 -2.67 23.45
C VAL A 72 -10.48 -2.45 21.93
N HIS A 73 -11.72 -2.46 21.48
CA HIS A 73 -12.04 -2.26 20.08
C HIS A 73 -12.04 -0.78 19.73
N TYR A 74 -11.27 -0.41 18.69
CA TYR A 74 -11.23 0.94 18.11
C TYR A 74 -11.75 0.82 16.68
N GLY A 75 -13.06 0.99 16.49
CA GLY A 75 -13.66 0.87 15.18
C GLY A 75 -13.89 2.18 14.45
N GLU A 76 -12.84 3.00 14.24
CA GLU A 76 -13.01 4.37 13.75
C GLU A 76 -12.23 4.69 12.49
N ILE A 77 -11.53 3.72 11.90
CA ILE A 77 -10.71 4.00 10.72
C ILE A 77 -11.63 4.18 9.52
N GLU A 78 -11.65 5.36 8.96
CA GLU A 78 -12.28 5.59 7.66
C GLU A 78 -11.20 5.51 6.57
N PRO A 79 -11.58 5.21 5.32
CA PRO A 79 -10.56 5.03 4.27
C PRO A 79 -9.67 6.26 4.12
N ASN A 80 -8.39 6.02 3.92
CA ASN A 80 -7.43 7.12 3.82
C ASN A 80 -7.34 7.70 5.24
N PRO A 81 -6.77 6.95 6.16
CA PRO A 81 -6.73 7.37 7.57
C PRO A 81 -6.00 8.70 7.76
N THR A 82 -6.49 9.50 8.72
CA THR A 82 -5.97 10.83 9.03
C THR A 82 -5.10 10.82 10.30
N THR A 83 -4.31 11.88 10.46
CA THR A 83 -3.56 12.05 11.70
C THR A 83 -4.48 12.06 12.92
N THR A 84 -5.62 12.73 12.81
CA THR A 84 -6.50 12.89 13.98
C THR A 84 -6.98 11.52 14.45
N VAL A 85 -7.32 10.64 13.51
CA VAL A 85 -7.83 9.33 13.90
C VAL A 85 -6.71 8.47 14.53
N VAL A 86 -5.47 8.61 14.05
CA VAL A 86 -4.37 7.87 14.67
C VAL A 86 -4.12 8.41 16.08
N ASP A 87 -4.02 9.72 16.21
CA ASP A 87 -3.64 10.30 17.47
C ASP A 87 -4.71 10.04 18.53
N GLU A 88 -5.98 10.00 18.14
CA GLU A 88 -7.00 9.70 19.14
C GLU A 88 -6.96 8.24 19.55
N GLY A 89 -6.70 7.34 18.59
CA GLY A 89 -6.52 5.94 18.95
C GLY A 89 -5.32 5.71 19.85
N ALA A 90 -4.22 6.45 19.63
CA ALA A 90 -3.09 6.38 20.55
C ALA A 90 -3.49 6.83 21.97
N GLU A 91 -4.32 7.87 22.09
CA GLU A 91 -4.75 8.30 23.41
C GLU A 91 -5.45 7.17 24.14
N ILE A 92 -6.29 6.42 23.43
CA ILE A 92 -6.96 5.27 24.03
C ILE A 92 -5.94 4.23 24.50
N VAL A 93 -4.92 3.96 23.68
CA VAL A 93 -3.90 2.99 24.07
C VAL A 93 -3.25 3.41 25.38
N LEU A 94 -2.94 4.70 25.49
CA LEU A 94 -2.33 5.17 26.73
C LEU A 94 -3.33 5.12 27.88
N GLU A 95 -4.57 5.52 27.62
CA GLU A 95 -5.53 5.58 28.71
C GLU A 95 -5.86 4.20 29.24
N GLU A 96 -5.90 3.21 28.38
CA GLU A 96 -6.30 1.88 28.79
C GLU A 96 -5.11 0.99 29.16
N GLY A 97 -3.88 1.41 28.88
CA GLY A 97 -2.71 0.56 29.10
C GLY A 97 -2.47 -0.52 28.07
N CYS A 98 -2.92 -0.36 26.81
CA CYS A 98 -2.72 -1.43 25.83
C CYS A 98 -1.24 -1.60 25.50
N ASP A 99 -0.81 -2.85 25.29
CA ASP A 99 0.61 -3.09 24.97
C ASP A 99 0.86 -3.73 23.62
N VAL A 100 -0.17 -3.96 22.81
CA VAL A 100 0.00 -4.52 21.45
C VAL A 100 -1.16 -4.01 20.59
N VAL A 101 -0.87 -3.74 19.33
CA VAL A 101 -1.84 -3.16 18.41
C VAL A 101 -2.15 -4.23 17.38
N VAL A 102 -3.44 -4.57 17.25
CA VAL A 102 -3.92 -5.60 16.35
C VAL A 102 -4.79 -4.94 15.28
N ALA A 103 -4.49 -5.21 14.00
CA ALA A 103 -5.28 -4.66 12.87
C ALA A 103 -6.09 -5.76 12.19
N LEU A 104 -7.35 -5.46 11.93
CA LEU A 104 -8.24 -6.31 11.16
C LEU A 104 -8.95 -5.42 10.15
N GLY A 105 -8.47 -5.45 8.91
CA GLY A 105 -8.96 -4.54 7.91
C GLY A 105 -8.00 -4.41 6.74
N GLY A 106 -8.25 -3.39 5.93
CA GLY A 106 -7.40 -3.13 4.76
C GLY A 106 -6.24 -2.22 5.09
N GLY A 107 -5.63 -1.68 4.04
CA GLY A 107 -4.50 -0.79 4.23
C GLY A 107 -4.81 0.35 5.18
N SER A 108 -6.04 0.90 5.13
CA SER A 108 -6.37 2.01 6.00
C SER A 108 -6.30 1.60 7.47
N SER A 109 -6.77 0.41 7.83
CA SER A 109 -6.69 -0.04 9.21
C SER A 109 -5.27 -0.42 9.61
N MET A 110 -4.59 -1.17 8.75
CA MET A 110 -3.23 -1.59 9.04
C MET A 110 -2.32 -0.39 9.19
N ASP A 111 -2.50 0.64 8.36
CA ASP A 111 -1.62 1.79 8.52
C ASP A 111 -1.95 2.56 9.79
N ALA A 112 -3.24 2.74 10.06
CA ALA A 112 -3.64 3.44 11.26
C ALA A 112 -3.04 2.74 12.47
N ALA A 113 -3.08 1.42 12.46
CA ALA A 113 -2.52 0.61 13.54
C ALA A 113 -1.02 0.87 13.74
N LYS A 114 -0.27 0.90 12.62
CA LYS A 114 1.16 1.17 12.73
C LYS A 114 1.39 2.56 13.26
N GLY A 115 0.59 3.52 12.79
CA GLY A 115 0.71 4.88 13.32
C GLY A 115 0.41 4.97 14.81
N ILE A 116 -0.58 4.20 15.28
CA ILE A 116 -0.92 4.21 16.69
C ILE A 116 0.23 3.61 17.52
N ALA A 117 0.79 2.49 17.05
CA ALA A 117 1.94 1.85 17.68
C ALA A 117 3.10 2.81 17.82
N MET A 118 3.35 3.59 16.76
CA MET A 118 4.40 4.61 16.79
C MET A 118 4.13 5.66 17.89
N VAL A 119 3.00 6.37 17.78
CA VAL A 119 2.70 7.43 18.76
C VAL A 119 2.71 6.89 20.17
N ALA A 120 1.91 5.87 20.42
CA ALA A 120 1.76 5.42 21.80
C ALA A 120 3.10 4.91 22.34
N GLY A 121 3.91 4.26 21.49
CA GLY A 121 5.17 3.75 21.98
C GLY A 121 6.17 4.84 22.33
N HIS A 122 6.15 5.95 21.61
CA HIS A 122 7.09 7.00 21.95
C HIS A 122 6.50 8.02 22.92
N SER A 123 5.35 7.78 23.50
CA SER A 123 4.77 8.89 24.23
C SER A 123 5.11 8.86 25.71
N ALA A 124 4.97 10.03 26.36
CA ALA A 124 4.95 10.13 27.81
C ALA A 124 3.62 9.56 28.33
N GLU A 125 3.09 10.11 29.41
CA GLU A 125 1.93 9.49 30.05
C GLU A 125 0.62 9.84 29.32
N GLU A 126 0.41 11.12 29.03
CA GLU A 126 -0.84 11.60 28.42
C GLU A 126 -0.74 11.79 26.91
N ARG A 127 0.48 11.76 26.36
CA ARG A 127 0.84 12.09 24.98
C ARG A 127 1.77 13.30 25.05
N ASP A 128 1.85 14.07 23.96
CA ASP A 128 2.84 15.13 23.73
C ASP A 128 3.49 14.96 22.37
N ILE A 129 2.98 14.02 21.56
CA ILE A 129 3.55 13.76 20.25
C ILE A 129 2.42 13.32 19.32
N SER A 130 2.54 13.68 18.04
CA SER A 130 1.57 13.35 17.02
C SER A 130 2.23 12.50 15.94
N VAL A 131 1.42 11.66 15.31
CA VAL A 131 1.95 10.81 14.24
C VAL A 131 2.64 11.66 13.18
N TRP A 132 2.18 12.90 12.99
CA TRP A 132 2.77 13.77 11.97
C TRP A 132 4.23 14.08 12.27
N ASP A 133 4.67 13.96 13.54
CA ASP A 133 6.08 14.20 13.84
C ASP A 133 7.00 13.17 13.16
N PHE A 134 6.49 11.97 12.89
CA PHE A 134 7.26 10.97 12.13
C PHE A 134 7.16 11.14 10.61
N ALA A 135 6.39 12.07 10.12
CA ALA A 135 6.07 12.07 8.69
C ALA A 135 7.01 12.98 7.92
N PRO A 136 7.55 12.53 6.78
CA PRO A 136 8.32 13.44 5.95
C PRO A 136 7.51 14.66 5.54
N GLU A 137 8.22 15.76 5.34
CA GLU A 137 7.57 16.99 4.93
C GLU A 137 8.68 17.92 4.49
N GLY A 138 8.92 17.99 3.19
CA GLY A 138 10.06 18.80 2.79
C GLY A 138 11.31 18.33 3.49
N ASP A 139 12.17 19.27 3.89
CA ASP A 139 13.37 18.89 4.62
C ASP A 139 13.17 18.91 6.13
N LYS A 140 11.93 18.90 6.60
CA LYS A 140 11.66 18.78 8.01
C LYS A 140 12.35 17.55 8.60
N GLU A 141 13.08 17.74 9.68
CA GLU A 141 13.75 16.61 10.33
C GLU A 141 12.69 15.79 11.05
N THR A 142 12.45 14.56 10.58
CA THR A 142 11.39 13.75 11.16
C THR A 142 11.77 13.25 12.56
N LYS A 143 10.77 12.83 13.32
CA LYS A 143 11.06 12.16 14.58
C LYS A 143 11.47 10.71 14.31
N PRO A 144 12.60 10.26 14.84
CA PRO A 144 13.04 8.87 14.57
C PRO A 144 12.00 7.86 15.04
N ILE A 145 11.74 6.87 14.20
CA ILE A 145 10.87 5.74 14.51
C ILE A 145 11.74 4.62 15.08
N THR A 146 11.58 4.28 16.38
CA THR A 146 12.49 3.36 17.11
C THR A 146 11.79 2.08 17.61
N GLU A 147 12.58 1.21 18.25
CA GLU A 147 12.03 -0.03 18.81
C GLU A 147 10.97 0.23 19.89
N LYS A 148 10.84 1.46 20.41
CA LYS A 148 9.70 1.77 21.27
C LYS A 148 8.36 1.55 20.57
N THR A 149 8.34 1.54 19.25
CA THR A 149 7.08 1.28 18.57
C THR A 149 6.44 0.02 19.16
N LEU A 150 5.15 0.11 19.44
CA LEU A 150 4.46 -1.07 19.94
C LEU A 150 4.46 -2.16 18.87
N PRO A 151 4.39 -3.41 19.27
CA PRO A 151 4.30 -4.49 18.31
C PRO A 151 2.93 -4.49 17.65
N VAL A 152 2.92 -4.83 16.36
CA VAL A 152 1.70 -4.80 15.53
C VAL A 152 1.41 -6.21 15.01
N ILE A 153 0.17 -6.64 15.18
CA ILE A 153 -0.33 -7.88 14.57
C ILE A 153 -1.28 -7.47 13.44
N ALA A 154 -1.02 -7.91 12.20
CA ALA A 154 -1.80 -7.44 11.04
C ALA A 154 -2.56 -8.57 10.42
N ALA A 155 -3.89 -8.52 10.44
CA ALA A 155 -4.73 -9.43 9.64
C ALA A 155 -5.39 -8.64 8.52
N THR A 156 -4.92 -8.85 7.28
CA THR A 156 -5.44 -8.07 6.17
C THR A 156 -6.80 -8.58 5.68
N SER A 157 -7.60 -7.64 5.18
CA SER A 157 -8.86 -7.97 4.55
C SER A 157 -8.95 -7.52 3.10
N THR A 158 -7.87 -7.10 2.47
CA THR A 158 -7.92 -6.77 1.05
C THR A 158 -6.70 -7.37 0.37
N SER A 159 -6.86 -7.67 -0.91
CA SER A 159 -5.74 -8.22 -1.68
C SER A 159 -5.29 -7.09 -2.58
N GLY A 160 -4.74 -6.13 -1.84
CA GLY A 160 -4.68 -4.78 -2.27
C GLY A 160 -3.38 -4.16 -1.90
N THR A 161 -3.07 -3.92 -0.60
CA THR A 161 -2.01 -2.97 -0.29
C THR A 161 -0.63 -3.56 0.09
N GLY A 162 -0.50 -4.85 0.35
CA GLY A 162 0.77 -5.34 0.87
C GLY A 162 1.10 -4.89 2.30
N SER A 163 0.25 -4.06 2.90
CA SER A 163 0.63 -3.44 4.16
C SER A 163 0.87 -4.47 5.27
N HIS A 164 0.24 -5.65 5.20
CA HIS A 164 0.52 -6.64 6.26
C HIS A 164 1.98 -7.08 6.26
N VAL A 165 2.72 -6.85 5.13
CA VAL A 165 4.15 -7.13 5.11
C VAL A 165 4.95 -5.95 4.54
N THR A 166 4.68 -4.72 4.98
CA THR A 166 5.58 -3.59 4.74
C THR A 166 5.79 -2.87 6.04
N PRO A 167 6.82 -2.01 6.14
CA PRO A 167 7.01 -1.16 7.33
C PRO A 167 6.11 0.10 7.35
N TYR A 168 5.35 0.36 6.29
CA TYR A 168 4.92 1.72 6.02
C TYR A 168 3.51 1.96 6.53
N ALA A 169 3.28 3.19 6.99
CA ALA A 169 1.94 3.74 7.22
C ALA A 169 1.75 4.96 6.32
N VAL A 170 0.59 5.05 5.67
CA VAL A 170 0.29 6.19 4.81
C VAL A 170 -0.81 7.00 5.51
N ILE A 171 -0.48 8.21 5.97
CA ILE A 171 -1.39 8.97 6.84
C ILE A 171 -1.58 10.36 6.27
N THR A 172 -2.84 10.80 6.23
CA THR A 172 -3.19 12.10 5.69
C THR A 172 -3.29 13.12 6.81
N ASN A 173 -2.62 14.26 6.61
CA ASN A 173 -2.87 15.42 7.45
C ASN A 173 -3.94 16.31 6.80
N PRO A 174 -5.17 16.43 7.36
CA PRO A 174 -6.17 17.29 6.70
C PRO A 174 -5.82 18.78 6.69
N GLU A 175 -4.91 19.25 7.55
CA GLU A 175 -4.56 20.68 7.51
C GLU A 175 -3.73 21.01 6.27
N THR A 176 -2.79 20.12 5.88
CA THR A 176 -1.91 20.37 4.74
C THR A 176 -2.33 19.63 3.47
N LYS A 177 -3.12 18.57 3.61
CA LYS A 177 -3.56 17.70 2.52
C LYS A 177 -2.45 16.72 2.13
N GLY A 178 -1.34 16.70 2.86
CA GLY A 178 -0.30 15.74 2.58
C GLY A 178 -0.68 14.31 2.94
N LYS A 179 -0.16 13.38 2.15
CA LYS A 179 -0.44 11.95 2.33
C LYS A 179 0.84 11.12 2.18
N PRO A 180 1.84 11.40 3.01
CA PRO A 180 3.10 10.65 2.97
C PRO A 180 3.01 9.26 3.58
N GLY A 181 4.02 8.44 3.21
CA GLY A 181 4.28 7.17 3.84
C GLY A 181 5.53 7.27 4.70
N PHE A 182 5.64 6.38 5.69
CA PHE A 182 6.75 6.37 6.61
C PHE A 182 6.63 5.09 7.44
N GLY A 183 7.75 4.69 8.02
CA GLY A 183 7.90 3.37 8.60
C GLY A 183 9.30 2.82 8.37
N ASN A 184 9.71 1.90 9.24
CA ASN A 184 10.95 1.14 9.07
C ASN A 184 10.79 -0.20 9.77
N LYS A 185 11.94 -0.84 10.06
CA LYS A 185 11.91 -2.19 10.62
C LYS A 185 11.10 -2.26 11.91
N HIS A 186 11.05 -1.15 12.68
CA HIS A 186 10.35 -1.22 13.97
C HIS A 186 8.85 -1.06 13.86
N SER A 187 8.32 -0.76 12.68
CA SER A 187 6.87 -0.74 12.44
C SER A 187 6.44 -1.83 11.47
N PHE A 188 7.31 -2.81 11.17
CA PHE A 188 6.91 -3.93 10.32
C PHE A 188 6.15 -4.93 11.19
N PRO A 189 4.99 -5.44 10.75
CA PRO A 189 4.17 -6.26 11.66
C PRO A 189 4.93 -7.49 12.11
N LYS A 190 4.78 -7.80 13.40
CA LYS A 190 5.43 -8.98 13.95
C LYS A 190 4.86 -10.26 13.36
N VAL A 191 3.54 -10.29 13.15
CA VAL A 191 2.86 -11.46 12.59
C VAL A 191 1.82 -10.95 11.59
N SER A 192 1.66 -11.67 10.48
CA SER A 192 0.81 -11.24 9.37
C SER A 192 -0.13 -12.40 9.08
N ILE A 193 -1.43 -12.12 9.11
CA ILE A 193 -2.42 -13.16 8.89
C ILE A 193 -3.18 -12.84 7.59
N VAL A 194 -3.20 -13.80 6.69
CA VAL A 194 -3.88 -13.67 5.40
C VAL A 194 -4.94 -14.76 5.42
N ASP A 195 -6.22 -14.36 5.58
CA ASP A 195 -7.32 -15.31 5.66
C ASP A 195 -8.19 -15.19 4.42
N ILE A 196 -8.25 -16.27 3.64
CA ILE A 196 -9.00 -16.24 2.38
C ILE A 196 -10.49 -16.06 2.63
N ASP A 197 -10.97 -16.52 3.79
CA ASP A 197 -12.40 -16.36 4.09
C ASP A 197 -12.78 -14.91 4.26
N ILE A 198 -11.83 -14.07 4.67
CA ILE A 198 -12.10 -12.64 4.80
C ILE A 198 -11.98 -11.96 3.45
N LEU A 199 -10.89 -12.28 2.72
CA LEU A 199 -10.61 -11.62 1.45
C LEU A 199 -11.69 -11.91 0.41
N LYS A 200 -12.21 -13.14 0.36
CA LYS A 200 -13.17 -13.52 -0.66
C LYS A 200 -14.49 -12.79 -0.51
N GLU A 201 -14.69 -12.05 0.59
CA GLU A 201 -15.86 -11.21 0.72
C GLU A 201 -15.67 -9.82 0.14
N MET A 202 -14.47 -9.43 -0.31
CA MET A 202 -14.38 -8.18 -1.03
C MET A 202 -15.43 -8.15 -2.15
N PRO A 203 -16.16 -7.05 -2.32
CA PRO A 203 -17.04 -6.93 -3.50
C PRO A 203 -16.24 -6.74 -4.78
N PRO A 204 -16.88 -6.90 -5.94
CA PRO A 204 -16.18 -6.72 -7.24
C PRO A 204 -15.41 -5.43 -7.39
N ARG A 205 -16.01 -4.27 -7.07
CA ARG A 205 -15.28 -3.02 -7.25
C ARG A 205 -14.04 -2.97 -6.36
N LEU A 206 -14.19 -3.35 -5.08
CA LEU A 206 -13.04 -3.33 -4.17
C LEU A 206 -11.96 -4.30 -4.62
N THR A 207 -12.39 -5.49 -5.08
CA THR A 207 -11.44 -6.45 -5.65
C THR A 207 -10.62 -5.83 -6.77
N ALA A 208 -11.28 -5.08 -7.65
CA ALA A 208 -10.56 -4.53 -8.80
C ALA A 208 -9.63 -3.40 -8.39
N ILE A 209 -10.07 -2.53 -7.48
CA ILE A 209 -9.26 -1.41 -7.04
C ILE A 209 -8.01 -1.93 -6.31
N THR A 210 -8.21 -2.82 -5.35
CA THR A 210 -7.07 -3.30 -4.57
C THR A 210 -6.18 -4.19 -5.42
N GLY A 211 -6.80 -4.93 -6.35
CA GLY A 211 -6.02 -5.70 -7.31
C GLY A 211 -5.09 -4.82 -8.12
N TYR A 212 -5.60 -3.68 -8.58
CA TYR A 212 -4.75 -2.77 -9.35
C TYR A 212 -3.62 -2.20 -8.48
N ASP A 213 -3.87 -2.05 -7.17
CA ASP A 213 -2.82 -1.61 -6.26
C ASP A 213 -1.64 -2.59 -6.23
N VAL A 214 -1.95 -3.90 -6.16
CA VAL A 214 -0.94 -4.94 -6.25
C VAL A 214 -0.09 -4.76 -7.51
N PHE A 215 -0.76 -4.62 -8.67
CA PHE A 215 -0.03 -4.45 -9.91
C PHE A 215 0.76 -3.16 -9.91
N SER A 216 0.22 -2.10 -9.29
CA SER A 216 0.95 -0.82 -9.30
C SER A 216 2.24 -0.91 -8.49
N HIS A 217 2.15 -1.53 -7.33
CA HIS A 217 3.34 -1.70 -6.50
C HIS A 217 4.46 -2.40 -7.28
N VAL A 218 4.17 -3.60 -7.78
CA VAL A 218 5.25 -4.43 -8.34
C VAL A 218 5.78 -3.85 -9.65
N SER A 219 4.93 -3.16 -10.43
CA SER A 219 5.44 -2.60 -11.69
C SER A 219 6.34 -1.40 -11.41
N GLU A 220 6.06 -0.65 -10.35
CA GLU A 220 7.00 0.42 -9.98
C GLU A 220 8.23 -0.17 -9.27
N ASN A 221 8.05 -1.20 -8.45
CA ASN A 221 9.20 -1.81 -7.76
C ASN A 221 10.25 -2.26 -8.76
N LEU A 222 9.80 -2.84 -9.88
CA LEU A 222 10.68 -3.34 -10.94
C LEU A 222 11.37 -2.26 -11.75
N THR A 223 10.72 -1.13 -11.95
CA THR A 223 11.35 -0.06 -12.72
C THR A 223 12.09 0.97 -11.87
N ALA A 224 12.02 0.87 -10.53
CA ALA A 224 12.72 1.84 -9.69
C ALA A 224 14.21 1.85 -9.98
N LYS A 225 14.81 3.03 -9.84
CA LYS A 225 16.20 3.26 -10.19
C LYS A 225 17.13 2.31 -9.42
N GLY A 226 18.22 1.91 -10.06
CA GLY A 226 19.22 1.03 -9.45
C GLY A 226 18.82 -0.43 -9.54
N ASP A 227 19.72 -1.29 -9.06
CA ASP A 227 19.52 -2.71 -9.00
C ASP A 227 18.78 -3.11 -7.73
N HIS A 228 17.85 -4.07 -7.85
CA HIS A 228 17.13 -4.61 -6.69
C HIS A 228 16.72 -6.05 -7.02
N PRO A 229 17.68 -6.94 -7.23
CA PRO A 229 17.33 -8.25 -7.79
C PRO A 229 16.57 -9.15 -6.82
N THR A 230 16.63 -8.89 -5.50
CA THR A 230 15.87 -9.77 -4.62
C THR A 230 14.38 -9.45 -4.67
N ALA A 231 13.95 -8.25 -5.10
CA ALA A 231 12.54 -8.01 -5.26
C ALA A 231 12.01 -8.50 -6.60
N ASP A 232 12.83 -8.54 -7.64
CA ASP A 232 12.29 -8.60 -9.00
C ASP A 232 11.51 -9.87 -9.27
N PRO A 233 11.96 -11.07 -8.90
CA PRO A 233 11.16 -12.25 -9.20
C PRO A 233 9.81 -12.25 -8.50
N LEU A 234 9.75 -11.79 -7.25
CA LEU A 234 8.44 -11.62 -6.60
C LEU A 234 7.58 -10.64 -7.39
N ALA A 235 8.14 -9.52 -7.80
CA ALA A 235 7.33 -8.53 -8.53
C ALA A 235 6.80 -9.13 -9.85
N ILE A 236 7.66 -9.85 -10.58
CA ILE A 236 7.25 -10.40 -11.88
C ILE A 236 6.10 -11.38 -11.70
N ARG A 237 6.30 -12.36 -10.80
CA ARG A 237 5.27 -13.36 -10.57
C ARG A 237 3.93 -12.72 -10.18
N ALA A 238 3.99 -11.61 -9.43
CA ALA A 238 2.76 -10.93 -9.04
C ALA A 238 2.02 -10.42 -10.27
N ILE A 239 2.75 -9.85 -11.23
CA ILE A 239 2.07 -9.38 -12.43
C ILE A 239 1.48 -10.55 -13.19
N GLU A 240 2.16 -11.70 -13.21
CA GLU A 240 1.62 -12.87 -13.91
C GLU A 240 0.32 -13.33 -13.25
N TYR A 241 0.30 -13.30 -11.91
CA TYR A 241 -0.91 -13.64 -11.17
C TYR A 241 -2.01 -12.60 -11.38
N VAL A 242 -1.68 -11.31 -11.43
CA VAL A 242 -2.71 -10.32 -11.71
C VAL A 242 -3.36 -10.59 -13.09
N THR A 243 -2.53 -10.63 -14.14
CA THR A 243 -3.06 -10.86 -15.48
C THR A 243 -3.87 -12.15 -15.57
N GLU A 244 -3.48 -13.20 -14.85
CA GLU A 244 -4.19 -14.48 -14.95
C GLU A 244 -5.41 -14.59 -14.00
N TYR A 245 -5.42 -13.97 -12.82
CA TYR A 245 -6.50 -14.22 -11.86
C TYR A 245 -7.35 -13.01 -11.45
N LEU A 246 -6.91 -11.77 -11.64
CA LEU A 246 -7.63 -10.67 -11.00
C LEU A 246 -9.04 -10.58 -11.53
N LEU A 247 -9.17 -10.61 -12.85
CA LEU A 247 -10.50 -10.50 -13.44
C LEU A 247 -11.36 -11.68 -13.03
N ARG A 248 -10.74 -12.85 -12.86
CA ARG A 248 -11.50 -13.98 -12.33
C ARG A 248 -12.08 -13.65 -10.95
N ALA A 249 -11.28 -13.02 -10.11
CA ALA A 249 -11.75 -12.71 -8.76
C ALA A 249 -12.86 -11.67 -8.80
N VAL A 250 -12.74 -10.68 -9.68
CA VAL A 250 -13.77 -9.65 -9.78
C VAL A 250 -15.09 -10.27 -10.24
N GLU A 251 -15.03 -11.10 -11.29
CA GLU A 251 -16.26 -11.63 -11.86
C GLU A 251 -16.88 -12.73 -11.01
N ASP A 252 -16.10 -13.42 -10.18
CA ASP A 252 -16.64 -14.43 -9.28
C ASP A 252 -15.88 -14.33 -7.98
N GLY A 253 -16.46 -13.64 -7.00
CA GLY A 253 -15.72 -13.45 -5.76
C GLY A 253 -15.44 -14.75 -5.06
N GLU A 254 -16.18 -15.81 -5.39
CA GLU A 254 -16.06 -17.10 -4.74
C GLU A 254 -15.13 -18.04 -5.50
N ASP A 255 -14.45 -17.56 -6.53
CA ASP A 255 -13.41 -18.34 -7.19
C ASP A 255 -12.17 -18.37 -6.27
N ILE A 256 -12.01 -19.45 -5.51
CA ILE A 256 -11.08 -19.42 -4.39
C ILE A 256 -9.63 -19.45 -4.88
N LYS A 257 -9.35 -20.28 -5.88
CA LYS A 257 -8.03 -20.26 -6.49
C LYS A 257 -7.62 -18.86 -6.88
N ALA A 258 -8.53 -18.12 -7.49
CA ALA A 258 -8.24 -16.76 -7.90
C ALA A 258 -8.02 -15.84 -6.71
N ARG A 259 -8.81 -16.01 -5.64
CA ARG A 259 -8.56 -15.23 -4.43
C ARG A 259 -7.20 -15.57 -3.83
N GLU A 260 -6.82 -16.85 -3.85
CA GLU A 260 -5.54 -17.26 -3.27
C GLU A 260 -4.39 -16.67 -4.03
N LYS A 261 -4.48 -16.63 -5.38
CA LYS A 261 -3.40 -16.08 -6.18
C LYS A 261 -3.28 -14.58 -6.01
N MET A 262 -4.41 -13.86 -5.94
CA MET A 262 -4.32 -12.43 -5.65
C MET A 262 -3.76 -12.18 -4.22
N ALA A 263 -4.10 -13.01 -3.25
CA ALA A 263 -3.51 -12.82 -1.92
C ALA A 263 -2.01 -13.14 -1.91
N VAL A 264 -1.57 -14.18 -2.59
CA VAL A 264 -0.13 -14.41 -2.75
C VAL A 264 0.51 -13.22 -3.48
N ALA A 265 -0.14 -12.74 -4.56
CA ALA A 265 0.38 -11.61 -5.32
C ALA A 265 0.52 -10.37 -4.45
N ASP A 266 -0.49 -10.10 -3.62
CA ASP A 266 -0.45 -8.97 -2.71
C ASP A 266 0.70 -9.12 -1.69
N THR A 267 0.96 -10.34 -1.24
CA THR A 267 2.08 -10.57 -0.32
C THR A 267 3.41 -10.33 -1.00
N TYR A 268 3.54 -10.79 -2.26
CA TYR A 268 4.72 -10.52 -3.05
C TYR A 268 4.96 -9.04 -3.09
N ALA A 269 3.86 -8.30 -3.31
CA ALA A 269 3.97 -6.85 -3.52
C ALA A 269 4.47 -6.18 -2.25
N GLY A 270 3.96 -6.56 -1.09
CA GLY A 270 4.47 -5.99 0.15
C GLY A 270 5.97 -6.26 0.34
N LEU A 271 6.38 -7.52 0.16
CA LEU A 271 7.80 -7.84 0.31
C LEU A 271 8.64 -7.07 -0.72
N SER A 272 8.15 -7.05 -1.98
CA SER A 272 8.87 -6.35 -3.03
C SER A 272 8.94 -4.84 -2.76
N ASN A 273 7.83 -4.27 -2.28
CA ASN A 273 7.82 -2.83 -1.99
C ASN A 273 8.71 -2.48 -0.78
N THR A 274 8.83 -3.38 0.20
CA THR A 274 9.81 -3.16 1.29
C THR A 274 11.24 -3.13 0.75
N ILE A 275 11.62 -4.12 -0.08
CA ILE A 275 13.01 -4.19 -0.55
C ILE A 275 13.30 -3.04 -1.51
N SER A 276 12.41 -2.83 -2.47
CA SER A 276 12.64 -1.78 -3.50
C SER A 276 11.84 -0.55 -3.08
N GLY A 277 11.04 0.07 -3.96
CA GLY A 277 10.22 1.21 -3.58
C GLY A 277 9.39 1.63 -4.78
N THR A 278 8.42 2.50 -4.51
CA THR A 278 7.53 2.93 -5.59
C THR A 278 8.11 4.20 -6.23
N THR A 279 7.52 4.62 -7.34
CA THR A 279 8.12 5.74 -8.04
C THR A 279 7.05 6.80 -8.32
N LEU A 280 7.11 7.40 -9.51
CA LEU A 280 6.33 8.60 -9.78
C LEU A 280 4.82 8.36 -9.67
N ARG A 281 4.34 7.22 -10.16
CA ARG A 281 2.90 6.97 -10.08
C ARG A 281 2.41 7.10 -8.63
N HIS A 282 3.13 6.50 -7.68
CA HIS A 282 2.72 6.63 -6.29
C HIS A 282 2.92 8.04 -5.77
N ALA A 283 4.03 8.68 -6.12
CA ALA A 283 4.25 10.05 -5.64
C ALA A 283 3.10 10.99 -6.05
N MET A 284 2.53 10.80 -7.25
CA MET A 284 1.46 11.66 -7.72
C MET A 284 0.08 11.22 -7.24
N ALA A 285 -0.12 9.92 -7.01
CA ALA A 285 -1.44 9.49 -6.53
C ALA A 285 -1.69 9.91 -5.09
N ALA A 286 -0.63 10.07 -4.29
CA ALA A 286 -0.84 10.51 -2.91
C ALA A 286 -1.58 11.83 -2.85
N PRO A 287 -1.12 12.91 -3.47
CA PRO A 287 -1.80 14.19 -3.31
C PRO A 287 -3.20 14.21 -3.89
N ILE A 288 -3.57 13.24 -4.75
CA ILE A 288 -4.94 13.13 -5.25
C ILE A 288 -5.87 12.70 -4.13
N SER A 289 -5.54 11.60 -3.45
CA SER A 289 -6.34 11.20 -2.29
C SER A 289 -6.13 12.12 -1.10
N GLY A 290 -4.99 12.80 -1.06
CA GLY A 290 -4.81 13.84 -0.06
C GLY A 290 -5.79 14.99 -0.23
N TYR A 291 -5.89 15.52 -1.44
CA TYR A 291 -6.82 16.62 -1.67
C TYR A 291 -8.25 16.15 -1.85
N TYR A 292 -8.49 14.90 -2.24
CA TYR A 292 -9.84 14.39 -2.51
C TYR A 292 -10.02 13.07 -1.77
N PRO A 293 -10.32 13.13 -0.50
CA PRO A 293 -10.23 11.91 0.32
C PRO A 293 -11.27 10.87 -0.05
N ASP A 294 -12.33 11.23 -0.77
CA ASP A 294 -13.22 10.14 -1.17
C ASP A 294 -12.72 9.35 -2.38
N ILE A 295 -11.57 9.69 -2.95
CA ILE A 295 -10.99 8.97 -4.10
C ILE A 295 -10.13 7.81 -3.58
N SER A 296 -10.44 6.60 -4.01
CA SER A 296 -9.64 5.45 -3.60
C SER A 296 -8.24 5.55 -4.17
N HIS A 297 -7.27 5.14 -3.34
CA HIS A 297 -5.86 5.08 -3.73
C HIS A 297 -5.66 4.41 -5.09
N GLY A 298 -6.16 3.18 -5.25
CA GLY A 298 -5.97 2.47 -6.51
C GLY A 298 -6.65 3.11 -7.72
N GLN A 299 -7.81 3.76 -7.51
CA GLN A 299 -8.42 4.48 -8.64
C GLN A 299 -7.57 5.68 -9.02
N ALA A 300 -7.04 6.38 -8.01
CA ALA A 300 -6.10 7.45 -8.29
C ALA A 300 -4.89 6.92 -9.09
N LEU A 301 -4.27 5.82 -8.63
CA LEU A 301 -3.16 5.25 -9.39
C LEU A 301 -3.58 4.97 -10.84
N ALA A 302 -4.73 4.31 -11.00
CA ALA A 302 -5.18 3.95 -12.34
C ALA A 302 -5.27 5.17 -13.25
N SER A 303 -5.91 6.25 -12.77
CA SER A 303 -6.24 7.35 -13.68
C SER A 303 -5.01 8.12 -14.17
N ILE A 304 -3.84 7.95 -13.56
CA ILE A 304 -2.63 8.62 -14.00
C ILE A 304 -1.58 7.66 -14.57
N SER A 305 -1.90 6.37 -14.67
CA SER A 305 -0.88 5.38 -15.05
C SER A 305 -0.38 5.57 -16.49
N VAL A 306 -1.30 5.67 -17.46
CA VAL A 306 -0.90 5.69 -18.86
C VAL A 306 0.08 6.84 -19.09
N PRO A 307 -0.27 8.07 -18.71
CA PRO A 307 0.65 9.20 -18.97
C PRO A 307 2.00 9.03 -18.31
N ILE A 308 2.03 8.49 -17.09
CA ILE A 308 3.30 8.33 -16.39
C ILE A 308 4.16 7.27 -17.07
N MET A 309 3.60 6.09 -17.31
CA MET A 309 4.33 5.05 -18.02
C MET A 309 4.88 5.58 -19.35
N GLU A 310 4.07 6.38 -20.06
CA GLU A 310 4.54 6.94 -21.33
C GLU A 310 5.70 7.92 -21.12
N HIS A 311 5.65 8.71 -20.04
CA HIS A 311 6.72 9.67 -19.77
C HIS A 311 8.00 8.97 -19.36
N ASN A 312 7.89 7.91 -18.54
CA ASN A 312 9.08 7.18 -18.15
C ASN A 312 9.67 6.45 -19.35
N ILE A 313 8.84 5.93 -20.25
CA ILE A 313 9.37 5.25 -21.42
C ILE A 313 9.98 6.25 -22.40
N GLU A 314 9.38 7.43 -22.53
CA GLU A 314 9.91 8.37 -23.51
C GLU A 314 11.25 8.94 -23.09
N ASN A 315 11.53 9.04 -21.78
CA ASN A 315 12.78 9.60 -21.31
C ASN A 315 13.73 8.54 -20.77
N GLY A 316 13.54 7.27 -21.12
CA GLY A 316 14.27 6.18 -20.51
C GLY A 316 15.54 5.82 -21.25
N ASP A 317 16.11 4.69 -20.86
CA ASP A 317 17.29 4.11 -21.49
C ASP A 317 17.03 2.62 -21.64
N GLU A 318 17.99 1.90 -22.23
CA GLU A 318 17.76 0.49 -22.56
C GLU A 318 17.53 -0.36 -21.31
N LYS A 319 18.17 -0.03 -20.19
CA LYS A 319 17.95 -0.83 -18.98
C LYS A 319 16.51 -0.65 -18.46
N THR A 320 15.98 0.58 -18.50
CA THR A 320 14.61 0.79 -18.07
C THR A 320 13.62 0.26 -19.11
N TRP A 321 13.94 0.43 -20.39
CA TRP A 321 13.09 -0.15 -21.44
C TRP A 321 12.95 -1.67 -21.28
N GLU A 322 14.06 -2.36 -20.96
CA GLU A 322 13.99 -3.81 -20.76
C GLU A 322 13.07 -4.18 -19.58
N ARG A 323 13.12 -3.41 -18.49
CA ARG A 323 12.20 -3.64 -17.38
C ARG A 323 10.74 -3.49 -17.82
N TYR A 324 10.39 -2.40 -18.51
CA TYR A 324 9.03 -2.27 -19.03
C TYR A 324 8.67 -3.39 -20.03
N SER A 325 9.65 -3.91 -20.78
CA SER A 325 9.31 -5.00 -21.70
C SER A 325 8.98 -6.28 -20.91
N ARG A 326 9.72 -6.57 -19.85
CA ARG A 326 9.31 -7.70 -19.00
C ARG A 326 7.91 -7.50 -18.40
N ILE A 327 7.58 -6.27 -18.04
CA ILE A 327 6.21 -6.04 -17.57
C ILE A 327 5.22 -6.34 -18.70
N ALA A 328 5.54 -5.90 -19.92
CA ALA A 328 4.62 -6.16 -21.03
C ALA A 328 4.40 -7.65 -21.22
N VAL A 329 5.49 -8.43 -21.16
CA VAL A 329 5.39 -9.88 -21.31
C VAL A 329 4.54 -10.47 -20.20
N ALA A 330 4.81 -10.07 -18.94
CA ALA A 330 3.99 -10.57 -17.85
C ALA A 330 2.53 -10.17 -18.00
N LEU A 331 2.25 -9.07 -18.68
CA LEU A 331 0.86 -8.67 -18.97
C LEU A 331 0.25 -9.40 -20.19
N ASP A 332 0.92 -10.40 -20.77
CA ASP A 332 0.50 -11.04 -22.02
C ASP A 332 0.38 -10.05 -23.19
N ALA A 333 1.06 -8.91 -23.16
CA ALA A 333 0.93 -7.99 -24.28
C ALA A 333 1.98 -8.24 -25.35
N SER A 334 2.89 -9.18 -25.12
CA SER A 334 4.01 -9.37 -26.01
C SER A 334 4.69 -10.68 -25.65
N LYS A 335 5.47 -11.18 -26.61
CA LYS A 335 6.11 -12.47 -26.49
C LYS A 335 7.56 -12.28 -26.06
N PRO A 336 8.41 -11.65 -26.88
CA PRO A 336 9.83 -11.53 -26.50
C PRO A 336 10.15 -10.31 -25.64
N VAL A 337 10.96 -10.53 -24.58
CA VAL A 337 11.57 -9.42 -23.88
C VAL A 337 12.61 -8.77 -24.80
N ASP A 338 12.66 -7.43 -24.84
CA ASP A 338 13.70 -6.73 -25.60
C ASP A 338 13.99 -5.44 -24.87
N ASN A 339 15.03 -4.73 -25.30
CA ASN A 339 15.47 -3.55 -24.57
C ASN A 339 15.36 -2.26 -25.38
N THR A 340 14.30 -2.12 -26.18
CA THR A 340 14.09 -0.94 -27.01
C THR A 340 12.89 -0.12 -26.54
N ARG A 341 12.89 1.15 -26.94
CA ARG A 341 11.71 2.00 -26.79
C ARG A 341 10.43 1.29 -27.26
N GLN A 342 10.50 0.56 -28.37
CA GLN A 342 9.26 -0.03 -28.93
C GLN A 342 8.80 -1.22 -28.12
N ALA A 343 9.71 -2.14 -27.77
CA ALA A 343 9.35 -3.24 -26.88
C ALA A 343 8.77 -2.73 -25.56
N ALA A 344 9.33 -1.64 -25.05
CA ALA A 344 8.85 -1.15 -23.74
C ALA A 344 7.44 -0.62 -23.87
N SER A 345 7.17 0.01 -25.01
CA SER A 345 5.89 0.64 -25.26
C SER A 345 4.75 -0.35 -25.26
N LYS A 346 5.03 -1.63 -25.48
CA LYS A 346 3.98 -2.63 -25.34
C LYS A 346 3.46 -2.73 -23.92
N ALA A 347 4.23 -2.31 -22.91
CA ALA A 347 3.69 -2.28 -21.55
C ALA A 347 2.50 -1.33 -21.47
N VAL A 348 2.49 -0.27 -22.29
CA VAL A 348 1.37 0.67 -22.27
C VAL A 348 0.11 0.02 -22.84
N ASP A 349 0.27 -0.75 -23.92
CA ASP A 349 -0.84 -1.51 -24.46
C ASP A 349 -1.37 -2.53 -23.45
N GLY A 350 -0.48 -3.30 -22.83
CA GLY A 350 -0.94 -4.25 -21.84
C GLY A 350 -1.62 -3.57 -20.65
N LEU A 351 -1.08 -2.43 -20.24
CA LEU A 351 -1.69 -1.62 -19.18
C LEU A 351 -3.11 -1.17 -19.56
N LYS A 352 -3.26 -0.63 -20.77
CA LYS A 352 -4.59 -0.17 -21.19
C LYS A 352 -5.60 -1.32 -21.17
N ASN A 353 -5.21 -2.46 -21.74
CA ASN A 353 -6.01 -3.67 -21.63
C ASN A 353 -6.42 -3.99 -20.17
N LEU A 354 -5.44 -4.02 -19.25
CA LEU A 354 -5.74 -4.29 -17.85
C LEU A 354 -6.79 -3.32 -17.33
N LEU A 355 -6.56 -2.02 -17.52
CA LEU A 355 -7.42 -1.01 -16.95
C LEU A 355 -8.83 -1.11 -17.52
N ARG A 356 -8.92 -1.43 -18.81
CA ARG A 356 -10.22 -1.58 -19.43
C ARG A 356 -10.95 -2.80 -18.89
N SER A 357 -10.25 -3.94 -18.79
CA SER A 357 -10.93 -5.10 -18.27
C SER A 357 -11.46 -4.89 -16.83
N LEU A 358 -10.89 -3.94 -16.06
CA LEU A 358 -11.30 -3.66 -14.69
C LEU A 358 -12.18 -2.44 -14.56
N ASP A 359 -12.49 -1.74 -15.66
CA ASP A 359 -13.28 -0.51 -15.59
C ASP A 359 -12.65 0.55 -14.71
N LEU A 360 -11.31 0.63 -14.75
CA LEU A 360 -10.55 1.61 -13.99
C LEU A 360 -10.04 2.77 -14.86
N ASP A 361 -10.21 2.69 -16.18
CA ASP A 361 -9.73 3.76 -17.07
C ASP A 361 -10.71 4.93 -17.01
N LYS A 362 -10.50 5.80 -16.05
CA LYS A 362 -11.31 7.00 -15.91
C LYS A 362 -10.36 8.18 -15.81
N PRO A 363 -10.58 9.25 -16.56
CA PRO A 363 -9.80 10.47 -16.37
C PRO A 363 -10.08 11.06 -15.00
N LEU A 364 -9.15 11.88 -14.52
CA LEU A 364 -9.31 12.45 -13.18
C LEU A 364 -10.60 13.25 -13.06
N SER A 365 -11.07 13.84 -14.18
CA SER A 365 -12.34 14.56 -14.20
C SER A 365 -13.50 13.70 -13.73
N GLU A 366 -13.52 12.45 -14.16
CA GLU A 366 -14.66 11.66 -13.80
C GLU A 366 -14.65 11.28 -12.33
N LEU A 367 -13.53 11.49 -11.65
CA LEU A 367 -13.44 11.26 -10.21
C LEU A 367 -13.80 12.50 -9.39
N GLY A 368 -13.86 13.68 -10.02
CA GLY A 368 -14.12 14.94 -9.34
C GLY A 368 -12.91 15.86 -9.14
N VAL A 369 -11.74 15.52 -9.68
CA VAL A 369 -10.57 16.40 -9.60
C VAL A 369 -10.76 17.61 -10.52
N GLU A 370 -10.26 18.75 -10.10
CA GLU A 370 -10.45 19.99 -10.86
C GLU A 370 -9.10 20.57 -11.24
N GLU A 371 -9.01 21.08 -12.47
CA GLU A 371 -7.74 21.54 -13.00
C GLU A 371 -7.07 22.57 -12.09
N GLU A 372 -7.87 23.42 -11.44
CA GLU A 372 -7.32 24.47 -10.56
C GLU A 372 -6.43 23.90 -9.46
N LYS A 373 -6.60 22.63 -9.10
CA LYS A 373 -5.80 22.03 -8.03
C LYS A 373 -4.40 21.61 -8.45
N ILE A 374 -4.05 21.64 -9.74
CA ILE A 374 -2.79 21.03 -10.20
C ILE A 374 -1.57 21.52 -9.43
N PRO A 375 -1.35 22.83 -9.33
CA PRO A 375 -0.12 23.29 -8.67
C PRO A 375 -0.04 22.85 -7.23
N GLU A 376 -1.17 22.86 -6.52
CA GLU A 376 -1.18 22.35 -5.17
C GLU A 376 -0.83 20.88 -5.11
N MET A 377 -1.41 20.09 -6.01
CA MET A 377 -1.12 18.66 -5.96
C MET A 377 0.32 18.39 -6.38
N THR A 378 0.86 19.20 -7.27
CA THR A 378 2.26 19.05 -7.64
C THR A 378 3.15 19.38 -6.47
N GLU A 379 2.86 20.48 -5.76
CA GLU A 379 3.57 20.75 -4.51
C GLU A 379 3.44 19.58 -3.56
N GLY A 380 2.24 19.05 -3.39
CA GLY A 380 2.06 17.88 -2.54
C GLY A 380 3.04 16.77 -2.90
N ALA A 381 3.18 16.47 -4.20
CA ALA A 381 3.98 15.32 -4.59
C ALA A 381 5.44 15.50 -4.19
N PHE A 382 5.99 16.70 -4.36
CA PHE A 382 7.38 16.89 -3.98
C PHE A 382 7.57 17.02 -2.48
N ILE A 383 6.67 17.74 -1.79
CA ILE A 383 6.84 17.89 -0.34
C ILE A 383 6.77 16.55 0.36
N TYR A 384 5.80 15.72 -0.03
CA TYR A 384 5.49 14.57 0.79
C TYR A 384 5.88 13.23 0.19
N MET A 385 6.17 13.17 -1.11
CA MET A 385 6.60 11.92 -1.73
C MET A 385 7.95 12.09 -2.45
N GLY A 386 8.87 12.81 -1.81
CA GLY A 386 10.14 13.11 -2.45
C GLY A 386 10.93 11.85 -2.76
N GLY A 387 10.85 10.86 -1.89
CA GLY A 387 11.57 9.61 -2.14
C GLY A 387 11.15 8.93 -3.42
N GLY A 388 9.83 8.90 -3.69
CA GLY A 388 9.33 8.27 -4.90
C GLY A 388 9.76 9.00 -6.17
N ILE A 389 9.74 10.33 -6.13
CA ILE A 389 10.27 11.08 -7.26
C ILE A 389 11.74 10.76 -7.47
N GLU A 390 12.48 10.65 -6.38
CA GLU A 390 13.90 10.32 -6.51
C GLU A 390 14.09 8.91 -7.05
N ALA A 391 13.19 7.98 -6.72
CA ALA A 391 13.30 6.59 -7.16
C ALA A 391 12.88 6.39 -8.62
N ASN A 392 12.24 7.36 -9.23
CA ASN A 392 11.73 7.20 -10.57
C ASN A 392 12.89 7.08 -11.56
N PRO A 393 12.82 6.18 -12.52
CA PRO A 393 14.01 5.98 -13.40
C PRO A 393 14.38 7.21 -14.25
N VAL A 394 13.51 8.21 -14.41
CA VAL A 394 13.88 9.41 -15.18
C VAL A 394 13.55 10.66 -14.38
N ASP A 395 14.39 11.69 -14.53
CA ASP A 395 14.13 12.96 -13.86
C ASP A 395 12.70 13.42 -14.12
N VAL A 396 12.16 14.18 -13.17
CA VAL A 396 11.00 15.02 -13.46
C VAL A 396 11.16 16.35 -12.74
N SER A 397 10.80 17.41 -13.43
CA SER A 397 10.68 18.72 -12.85
C SER A 397 9.25 18.95 -12.35
N LYS A 398 9.08 20.02 -11.56
CA LYS A 398 7.74 20.40 -11.13
C LYS A 398 6.79 20.65 -12.31
N GLU A 399 7.32 21.11 -13.45
CA GLU A 399 6.43 21.32 -14.60
C GLU A 399 6.16 20.04 -15.39
N ASP A 400 7.07 19.06 -15.37
CA ASP A 400 6.71 17.75 -15.88
C ASP A 400 5.49 17.20 -15.17
N VAL A 401 5.44 17.34 -13.85
CA VAL A 401 4.37 16.69 -13.09
C VAL A 401 3.05 17.44 -13.30
N LYS A 402 3.09 18.77 -13.33
CA LYS A 402 1.91 19.54 -13.72
C LYS A 402 1.35 19.06 -15.06
N GLU A 403 2.22 18.90 -16.07
CA GLU A 403 1.75 18.51 -17.40
C GLU A 403 1.13 17.13 -17.39
N ILE A 404 1.68 16.24 -16.57
CA ILE A 404 1.19 14.86 -16.46
C ILE A 404 -0.21 14.84 -15.88
N PHE A 405 -0.43 15.61 -14.81
CA PHE A 405 -1.75 15.77 -14.20
C PHE A 405 -2.78 16.26 -15.20
N ARG A 406 -2.39 17.19 -16.09
CA ARG A 406 -3.34 17.76 -17.04
C ARG A 406 -3.75 16.76 -18.09
N LYS A 407 -2.78 15.99 -18.61
CA LYS A 407 -3.07 14.91 -19.54
C LYS A 407 -3.96 13.84 -18.92
N SER A 408 -3.88 13.62 -17.60
CA SER A 408 -4.72 12.62 -16.96
C SER A 408 -6.14 13.12 -16.68
N LEU A 409 -6.41 14.40 -16.91
CA LEU A 409 -7.71 14.98 -16.56
C LEU A 409 -8.86 14.45 -17.43
MN MN B . -0.33 1.63 -3.61
PA NDP C . -9.35 0.44 2.85
O1A NDP C . -8.63 -0.24 4.00
O2A NDP C . -9.00 1.91 2.72
O5B NDP C . -10.89 0.38 3.05
C5B NDP C . -11.38 -0.57 2.30
C4B NDP C . -12.89 -0.37 2.19
O4B NDP C . -13.39 -1.58 1.85
C3B NDP C . -13.58 0.03 3.62
O3B NDP C . -14.83 0.66 3.45
C2B NDP C . -13.81 -1.36 4.26
O2B NDP C . -14.88 -1.49 5.10
C1B NDP C . -14.11 -2.18 3.01
N9A NDP C . -13.60 -3.47 3.13
C8A NDP C . -12.27 -3.86 3.44
N7A NDP C . -12.10 -5.18 3.40
C5A NDP C . -13.33 -5.67 3.01
C6A NDP C . -13.79 -6.95 2.80
N6A NDP C . -12.99 -8.03 2.94
N1A NDP C . -15.09 -7.18 2.42
C2A NDP C . -15.85 -6.05 2.32
N3A NDP C . -15.55 -4.78 2.52
C4A NDP C . -14.28 -4.60 2.85
O3 NDP C . -8.96 -0.39 1.41
PN NDP C . -7.37 -0.53 1.05
O1N NDP C . -6.88 -1.67 1.84
O2N NDP C . -7.19 -0.39 -0.43
O5D NDP C . -6.75 0.95 1.66
C5D NDP C . -5.63 1.04 1.47
C4D NDP C . -5.03 2.23 2.17
O4D NDP C . -3.75 1.77 2.14
C3D NDP C . -4.97 3.63 1.46
O3D NDP C . -4.99 4.65 2.46
C2D NDP C . -3.59 3.68 0.83
O2D NDP C . -2.95 4.92 0.84
C1D NDP C . -2.83 2.79 1.84
N1N NDP C . -1.65 2.07 1.28
C2N NDP C . -0.65 1.72 2.13
C3N NDP C . 0.44 0.99 1.73
C7N NDP C . 1.46 0.65 2.78
O7N NDP C . 1.43 1.01 3.99
N7N NDP C . 2.56 -0.17 2.35
C4N NDP C . 0.57 0.48 0.30
C5N NDP C . -0.58 0.94 -0.64
C6N NDP C . -1.59 1.69 -0.16
P2B NDP C . -14.78 -0.52 6.55
O1X NDP C . -13.37 -0.75 6.98
O2X NDP C . -15.09 0.91 6.13
O3X NDP C . -15.85 -1.25 7.33
H51A NDP C . -10.95 -0.61 1.43
H52A NDP C . -11.22 -1.43 2.72
H4B NDP C . -13.09 0.26 1.48
H3B NDP C . -12.98 0.55 4.20
HO3A NDP C . -14.75 1.44 3.79
H2B NDP C . -12.95 -1.67 4.59
H1B NDP C . -15.06 -2.24 2.84
H8A NDP C . -11.61 -3.23 3.66
H61A NDP C . -13.29 -8.82 2.75
H62A NDP C . -12.18 -7.93 3.21
H2A NDP C . -16.73 -6.22 2.07
H51N NDP C . -5.45 1.16 0.53
H52N NDP C . -5.14 0.24 1.69
H4D NDP C . -5.37 2.28 3.08
H3D NDP C . -5.66 3.73 0.79
HO3N NDP C . -5.34 5.33 2.08
H2D NDP C . -3.58 3.29 -0.05
HO2N NDP C . -2.96 5.18 0.03
H1D NDP C . -2.57 3.26 2.65
H2N NDP C . -0.72 2.01 3.01
H71N NDP C . 2.61 -0.42 1.53
H72N NDP C . 3.19 -0.40 2.89
H41N NDP C . 1.41 0.78 -0.08
H42N NDP C . 0.62 -0.48 0.30
H5N NDP C . -0.56 0.71 -1.55
H6N NDP C . -2.30 1.98 -0.70
#